data_9MC1
#
_entry.id   9MC1
#
_cell.length_a   185.970
_cell.length_b   185.970
_cell.length_c   58.877
_cell.angle_alpha   90.000
_cell.angle_beta   90.000
_cell.angle_gamma   120.000
#
_symmetry.space_group_name_H-M   'H 3 2'
#
loop_
_entity.id
_entity.type
_entity.pdbx_description
1 polymer 'Trans-acting enoylreductase'
2 water water
#
_entity_poly.entity_id   1
_entity_poly.type   'polypeptide(L)'
_entity_poly.pdbx_seq_one_letter_code
;MNHKVHHHHHHIEGRHMPHILTIKHKRGKPGAVYYPLQLKAVPKPGPPGPGEVLIRMAAAALNHRDHFIRQHLYPNISFE
SPLFSDACGTVVEVGPGCKRSDELLNKLVVLVPYRGWDGDSPDGPEDWSAFATVGGTEPYRTLGGGQTWMVAAEDQVEVC
PPHLSAVEGAALPSCGVTAWRALVTKCGRANVGPGRNILITGIGGGVALQALQMALALGANVYVTSGSEAKLARARQLGA
KGGALYTEQDWPKIIAGLLPLAHPLLDAIVDGAGGDIVIRAVPILKPGGVIAIYGMTTAPVLDWPMQAVLKNIELRGTTL
GSRAEFRDMVAFVAEHKLRPVISRTVKGLDCVDAIDGLFEDLKGGKQFGKLVIEI
;
_entity_poly.pdbx_strand_id   A
#
# COMPACT_ATOMS: atom_id res chain seq x y z
N PRO A 18 -22.08 -11.88 -12.89
CA PRO A 18 -21.50 -12.44 -11.67
C PRO A 18 -20.28 -13.32 -11.93
N HIS A 19 -19.10 -12.71 -11.97
CA HIS A 19 -17.86 -13.39 -12.33
C HIS A 19 -16.83 -13.24 -11.21
N ILE A 20 -15.70 -13.92 -11.38
CA ILE A 20 -14.58 -13.84 -10.45
C ILE A 20 -13.30 -14.07 -11.24
N LEU A 21 -12.23 -13.38 -10.84
CA LEU A 21 -10.96 -13.40 -11.55
C LEU A 21 -9.91 -14.06 -10.66
N THR A 22 -9.47 -15.25 -11.06
CA THR A 22 -8.44 -16.00 -10.34
C THR A 22 -7.34 -16.40 -11.32
N ILE A 23 -6.26 -16.93 -10.78
CA ILE A 23 -5.20 -17.50 -11.58
C ILE A 23 -5.47 -19.00 -11.75
N LYS A 24 -4.87 -19.58 -12.79
CA LYS A 24 -5.00 -21.00 -13.05
C LYS A 24 -3.63 -21.65 -13.15
N HIS A 25 -3.60 -22.95 -12.87
CA HIS A 25 -2.35 -23.69 -12.82
C HIS A 25 -1.68 -23.76 -14.19
N LYS A 26 -0.34 -23.78 -14.18
CA LYS A 26 0.43 -23.96 -15.40
C LYS A 26 1.37 -25.16 -15.28
N ARG A 27 2.58 -24.92 -14.76
CA ARG A 27 3.58 -25.96 -14.53
C ARG A 27 4.84 -25.37 -13.91
N ALA A 32 10.06 -19.86 -11.57
CA ALA A 32 10.05 -19.27 -12.90
C ALA A 32 8.82 -19.73 -13.69
N VAL A 33 7.65 -19.29 -13.26
CA VAL A 33 6.38 -19.62 -13.91
C VAL A 33 5.50 -18.39 -13.85
N TYR A 34 4.44 -18.41 -14.67
CA TYR A 34 3.45 -17.33 -14.67
C TYR A 34 2.07 -17.94 -14.92
N TYR A 35 1.22 -17.90 -13.90
CA TYR A 35 -0.09 -18.53 -13.98
C TYR A 35 -1.05 -17.62 -14.77
N PRO A 36 -1.78 -18.15 -15.74
CA PRO A 36 -2.71 -17.32 -16.50
C PRO A 36 -3.94 -16.96 -15.67
N LEU A 37 -4.62 -15.91 -16.12
CA LEU A 37 -5.84 -15.47 -15.44
C LEU A 37 -7.04 -16.26 -15.93
N GLN A 38 -7.92 -16.64 -15.00
CA GLN A 38 -9.12 -17.40 -15.31
C GLN A 38 -10.34 -16.60 -14.88
N LEU A 39 -11.27 -16.40 -15.81
CA LEU A 39 -12.51 -15.69 -15.55
C LEU A 39 -13.61 -16.74 -15.36
N LYS A 40 -14.01 -16.96 -14.11
CA LYS A 40 -15.02 -17.95 -13.78
C LYS A 40 -16.35 -17.28 -13.46
N ALA A 41 -17.42 -17.81 -14.03
CA ALA A 41 -18.77 -17.36 -13.71
C ALA A 41 -19.28 -18.16 -12.51
N VAL A 42 -19.57 -17.46 -11.42
CA VAL A 42 -20.01 -18.10 -10.18
C VAL A 42 -21.35 -17.49 -9.80
N PRO A 43 -22.17 -18.22 -9.04
CA PRO A 43 -23.47 -17.68 -8.63
C PRO A 43 -23.32 -16.44 -7.77
N LYS A 44 -24.40 -15.66 -7.73
CA LYS A 44 -24.41 -14.46 -6.89
C LYS A 44 -24.46 -14.87 -5.41
N PRO A 45 -23.65 -14.27 -4.55
CA PRO A 45 -23.68 -14.62 -3.13
C PRO A 45 -25.05 -14.41 -2.53
N GLY A 46 -25.36 -15.24 -1.54
CA GLY A 46 -26.65 -15.20 -0.87
C GLY A 46 -26.80 -13.97 0.00
N PRO A 47 -27.90 -13.91 0.75
CA PRO A 47 -28.10 -12.78 1.65
C PRO A 47 -27.00 -12.73 2.71
N PRO A 48 -26.70 -11.55 3.24
CA PRO A 48 -25.62 -11.45 4.23
C PRO A 48 -26.00 -12.14 5.53
N GLY A 49 -25.04 -12.88 6.09
CA GLY A 49 -25.23 -13.55 7.35
C GLY A 49 -25.21 -12.58 8.52
N PRO A 50 -25.27 -13.10 9.74
CA PRO A 50 -25.23 -12.23 10.92
C PRO A 50 -23.93 -11.44 10.96
N GLY A 51 -24.07 -10.12 11.09
CA GLY A 51 -22.91 -9.25 11.14
C GLY A 51 -22.17 -9.06 9.83
N GLU A 52 -22.71 -9.56 8.72
CA GLU A 52 -22.08 -9.45 7.42
C GLU A 52 -22.82 -8.44 6.54
N VAL A 53 -22.10 -7.87 5.58
CA VAL A 53 -22.65 -6.93 4.61
C VAL A 53 -22.37 -7.48 3.21
N LEU A 54 -23.29 -7.19 2.29
CA LEU A 54 -23.13 -7.54 0.89
C LEU A 54 -22.65 -6.33 0.11
N ILE A 55 -21.62 -6.51 -0.69
CA ILE A 55 -20.92 -5.43 -1.36
C ILE A 55 -20.99 -5.65 -2.86
N ARG A 56 -21.48 -4.65 -3.60
CA ARG A 56 -21.41 -4.62 -5.04
C ARG A 56 -20.05 -4.03 -5.41
N MET A 57 -19.16 -4.87 -5.93
CA MET A 57 -17.79 -4.44 -6.20
C MET A 57 -17.76 -3.37 -7.27
N ALA A 58 -16.99 -2.31 -7.01
CA ALA A 58 -16.88 -1.18 -7.93
C ALA A 58 -15.52 -1.06 -8.60
N ALA A 59 -14.44 -1.29 -7.86
CA ALA A 59 -13.10 -1.18 -8.43
C ALA A 59 -12.13 -1.98 -7.58
N ALA A 60 -11.19 -2.65 -8.24
CA ALA A 60 -10.14 -3.41 -7.58
C ALA A 60 -8.80 -2.93 -8.10
N ALA A 61 -7.92 -2.51 -7.19
CA ALA A 61 -6.60 -2.01 -7.55
C ALA A 61 -5.58 -3.14 -7.52
N LEU A 62 -4.75 -3.18 -8.55
CA LEU A 62 -3.64 -4.13 -8.59
C LEU A 62 -2.51 -3.64 -7.70
N ASN A 63 -1.83 -4.58 -7.04
CA ASN A 63 -0.79 -4.24 -6.10
C ASN A 63 0.47 -5.03 -6.42
N HIS A 64 1.60 -4.55 -5.88
CA HIS A 64 2.90 -5.13 -6.21
C HIS A 64 3.01 -6.57 -5.71
N ARG A 65 2.32 -6.89 -4.61
CA ARG A 65 2.35 -8.25 -4.08
C ARG A 65 1.79 -9.26 -5.07
N ASP A 66 0.77 -8.86 -5.83
CA ASP A 66 0.10 -9.79 -6.73
C ASP A 66 1.00 -10.28 -7.85
N HIS A 67 2.11 -9.59 -8.12
CA HIS A 67 3.01 -10.06 -9.16
C HIS A 67 3.82 -11.26 -8.70
N PHE A 68 4.19 -11.31 -7.42
CA PHE A 68 4.92 -12.46 -6.89
C PHE A 68 4.01 -13.68 -6.77
N ILE A 69 2.71 -13.46 -6.54
CA ILE A 69 1.75 -14.55 -6.54
C ILE A 69 1.71 -15.23 -7.90
N ARG A 70 1.78 -14.44 -8.97
CA ARG A 70 1.73 -14.98 -10.32
C ARG A 70 2.93 -15.85 -10.66
N GLN A 71 4.06 -15.66 -9.97
CA GLN A 71 5.24 -16.50 -10.17
C GLN A 71 5.49 -17.43 -8.99
N HIS A 72 4.50 -17.62 -8.13
CA HIS A 72 4.55 -18.51 -6.98
C HIS A 72 5.63 -18.11 -5.96
N LEU A 73 6.21 -16.92 -6.09
CA LEU A 73 7.21 -16.45 -5.14
C LEU A 73 6.60 -15.89 -3.87
N TYR A 74 5.28 -16.01 -3.69
CA TYR A 74 4.58 -15.58 -2.49
C TYR A 74 3.98 -16.78 -1.77
N PRO A 75 3.96 -16.79 -0.44
CA PRO A 75 3.43 -17.96 0.29
C PRO A 75 1.92 -18.01 0.29
N ASN A 76 1.40 -19.24 0.21
CA ASN A 76 -0.02 -19.53 0.40
C ASN A 76 -0.89 -19.00 -0.74
N ILE A 77 -0.38 -19.09 -1.97
CA ILE A 77 -1.17 -18.67 -3.13
C ILE A 77 -2.35 -19.63 -3.33
N SER A 78 -3.33 -19.17 -4.11
CA SER A 78 -4.56 -19.94 -4.30
C SER A 78 -5.10 -19.76 -5.71
N PHE A 79 -5.50 -20.88 -6.32
CA PHE A 79 -6.19 -20.87 -7.60
C PHE A 79 -7.71 -20.77 -7.43
N GLU A 80 -8.17 -20.38 -6.23
CA GLU A 80 -9.59 -20.28 -5.96
C GLU A 80 -10.01 -18.96 -5.33
N SER A 81 -9.10 -18.22 -4.71
CA SER A 81 -9.42 -16.93 -4.12
C SER A 81 -9.41 -15.85 -5.20
N PRO A 82 -10.34 -14.90 -5.15
CA PRO A 82 -10.27 -13.75 -6.06
C PRO A 82 -9.04 -12.92 -5.77
N LEU A 83 -8.46 -12.37 -6.83
CA LEU A 83 -7.17 -11.70 -6.71
C LEU A 83 -7.33 -10.29 -6.14
N PHE A 84 -6.19 -9.62 -5.96
CA PHE A 84 -6.09 -8.21 -5.58
C PHE A 84 -6.51 -7.99 -4.13
N SER A 85 -5.61 -7.38 -3.35
CA SER A 85 -5.88 -7.07 -1.95
C SER A 85 -6.62 -5.76 -1.76
N ASP A 86 -6.90 -5.04 -2.84
CA ASP A 86 -7.60 -3.75 -2.78
C ASP A 86 -8.96 -3.90 -3.41
N ALA A 87 -10.01 -3.69 -2.62
CA ALA A 87 -11.38 -3.79 -3.08
C ALA A 87 -12.18 -2.61 -2.56
N CYS A 88 -13.02 -2.04 -3.42
CA CYS A 88 -13.89 -0.92 -3.06
C CYS A 88 -15.24 -1.13 -3.71
N GLY A 89 -16.30 -1.13 -2.91
CA GLY A 89 -17.63 -1.40 -3.42
C GLY A 89 -18.68 -0.80 -2.53
N THR A 90 -19.92 -0.88 -3.00
CA THR A 90 -21.06 -0.27 -2.31
C THR A 90 -21.82 -1.34 -1.53
N VAL A 91 -21.99 -1.11 -0.23
CA VAL A 91 -22.74 -2.04 0.60
C VAL A 91 -24.21 -1.96 0.20
N VAL A 92 -24.74 -3.04 -0.35
CA VAL A 92 -26.13 -3.06 -0.80
C VAL A 92 -27.06 -3.58 0.28
N GLU A 93 -26.70 -4.70 0.92
CA GLU A 93 -27.53 -5.33 1.93
C GLU A 93 -26.71 -5.56 3.20
N VAL A 94 -27.31 -5.28 4.34
CA VAL A 94 -26.70 -5.53 5.64
C VAL A 94 -27.44 -6.68 6.30
N GLY A 95 -26.68 -7.52 7.02
CA GLY A 95 -27.25 -8.68 7.67
C GLY A 95 -27.83 -8.36 9.03
N PRO A 96 -28.35 -9.38 9.71
CA PRO A 96 -28.91 -9.17 11.05
C PRO A 96 -27.83 -8.87 12.08
N GLY A 97 -28.18 -8.05 13.06
CA GLY A 97 -27.25 -7.71 14.12
C GLY A 97 -26.05 -6.91 13.67
N CYS A 98 -26.22 -6.03 12.69
CA CYS A 98 -25.15 -5.16 12.23
C CYS A 98 -25.19 -3.86 13.03
N LYS A 99 -24.11 -3.59 13.76
CA LYS A 99 -24.05 -2.37 14.56
C LYS A 99 -23.62 -1.15 13.75
N ARG A 100 -22.97 -1.35 12.61
CA ARG A 100 -22.60 -0.27 11.70
C ARG A 100 -23.52 -0.22 10.48
N SER A 101 -24.78 -0.62 10.65
CA SER A 101 -25.69 -0.72 9.51
C SER A 101 -25.95 0.65 8.89
N ASP A 102 -26.50 1.57 9.68
CA ASP A 102 -26.78 2.92 9.17
C ASP A 102 -25.52 3.68 8.78
N GLU A 103 -24.34 3.20 9.21
CA GLU A 103 -23.08 3.79 8.79
C GLU A 103 -22.60 3.29 7.44
N LEU A 104 -23.00 2.09 7.01
CA LEU A 104 -22.46 1.47 5.81
C LEU A 104 -23.47 1.26 4.70
N LEU A 105 -24.78 1.32 4.97
CA LEU A 105 -25.77 0.98 3.97
C LEU A 105 -25.72 1.96 2.80
N ASN A 106 -25.63 1.42 1.58
CA ASN A 106 -25.63 2.20 0.34
C ASN A 106 -24.47 3.18 0.27
N LYS A 107 -23.33 2.82 0.85
CA LYS A 107 -22.15 3.67 0.86
C LYS A 107 -20.95 2.90 0.33
N LEU A 108 -19.98 3.64 -0.23
CA LEU A 108 -18.75 3.03 -0.71
C LEU A 108 -17.84 2.71 0.47
N VAL A 109 -17.33 1.48 0.49
CA VAL A 109 -16.48 1.00 1.57
C VAL A 109 -15.21 0.42 0.98
N VAL A 110 -14.21 0.26 1.84
CA VAL A 110 -12.93 -0.32 1.46
C VAL A 110 -12.61 -1.47 2.40
N LEU A 111 -12.21 -2.60 1.83
CA LEU A 111 -11.85 -3.78 2.61
C LEU A 111 -10.47 -3.59 3.21
N VAL A 112 -10.31 -4.01 4.46
CA VAL A 112 -8.94 -4.09 4.99
C VAL A 112 -8.24 -5.27 4.34
N PRO A 113 -7.01 -5.12 3.87
CA PRO A 113 -6.39 -6.16 3.04
C PRO A 113 -5.73 -7.28 3.84
N TYR A 114 -6.33 -7.67 4.96
CA TYR A 114 -5.75 -8.69 5.84
C TYR A 114 -6.74 -9.02 6.94
N ARG A 115 -6.46 -10.13 7.63
CA ARG A 115 -7.15 -10.49 8.87
C ARG A 115 -6.15 -11.12 9.81
N GLY A 116 -6.45 -11.01 11.11
CA GLY A 116 -5.53 -11.51 12.11
C GLY A 116 -4.58 -10.47 12.64
N TRP A 117 -4.96 -9.19 12.60
CA TRP A 117 -4.14 -8.12 13.18
C TRP A 117 -5.10 -7.07 13.71
N ASP A 118 -5.21 -6.99 15.04
CA ASP A 118 -6.14 -6.08 15.67
C ASP A 118 -5.39 -4.91 16.31
N GLY A 119 -6.14 -3.87 16.66
CA GLY A 119 -5.55 -2.63 17.16
C GLY A 119 -5.00 -2.72 18.55
N ASP A 120 -5.22 -3.83 19.26
CA ASP A 120 -4.69 -3.97 20.61
C ASP A 120 -3.24 -4.43 20.64
N SER A 121 -2.71 -4.92 19.53
CA SER A 121 -1.30 -5.27 19.41
C SER A 121 -0.70 -4.46 18.27
N PRO A 122 -0.24 -3.24 18.54
CA PRO A 122 0.36 -2.43 17.46
C PRO A 122 1.67 -2.99 16.95
N ASP A 123 2.47 -3.64 17.81
CA ASP A 123 3.80 -4.10 17.40
C ASP A 123 3.72 -5.08 16.24
N GLY A 124 2.64 -5.84 16.15
CA GLY A 124 2.46 -6.82 15.10
C GLY A 124 1.27 -7.72 15.41
N PRO A 125 0.93 -8.61 14.50
CA PRO A 125 -0.17 -9.54 14.76
C PRO A 125 0.10 -10.35 16.02
N GLU A 126 -0.94 -10.56 16.82
CA GLU A 126 -0.77 -11.31 18.06
C GLU A 126 -0.37 -12.75 17.76
N ASP A 127 -1.04 -13.39 16.81
CA ASP A 127 -0.75 -14.76 16.38
C ASP A 127 -0.30 -14.71 14.93
N TRP A 128 0.97 -15.02 14.68
CA TRP A 128 1.49 -15.03 13.32
C TRP A 128 0.81 -16.09 12.46
N SER A 129 0.33 -17.17 13.08
CA SER A 129 -0.37 -18.20 12.33
C SER A 129 -1.79 -17.79 11.96
N ALA A 130 -2.35 -16.80 12.65
CA ALA A 130 -3.68 -16.30 12.31
C ALA A 130 -3.64 -15.19 11.26
N PHE A 131 -2.55 -14.44 11.18
CA PHE A 131 -2.46 -13.33 10.23
C PHE A 131 -2.31 -13.86 8.81
N ALA A 132 -3.14 -13.35 7.91
CA ALA A 132 -3.08 -13.70 6.50
C ALA A 132 -3.45 -12.49 5.66
N THR A 133 -2.77 -12.34 4.53
CA THR A 133 -3.04 -11.24 3.61
C THR A 133 -4.02 -11.72 2.55
N VAL A 134 -5.20 -11.09 2.51
CA VAL A 134 -6.23 -11.53 1.58
C VAL A 134 -5.87 -11.10 0.16
N GLY A 135 -6.49 -11.76 -0.82
CA GLY A 135 -6.22 -11.46 -2.20
C GLY A 135 -5.38 -12.51 -2.89
N GLY A 136 -6.02 -13.46 -3.57
CA GLY A 136 -5.30 -14.47 -4.31
C GLY A 136 -4.59 -15.49 -3.44
N THR A 137 -4.93 -15.54 -2.16
CA THR A 137 -4.27 -16.44 -1.22
C THR A 137 -5.31 -17.15 -0.37
N GLU A 138 -4.84 -18.17 0.36
CA GLU A 138 -5.60 -18.97 1.30
C GLU A 138 -5.50 -18.38 2.69
N PRO A 139 -6.48 -18.64 3.57
CA PRO A 139 -7.69 -19.44 3.40
C PRO A 139 -8.93 -18.62 3.09
N TYR A 140 -8.86 -17.29 3.17
CA TYR A 140 -10.02 -16.43 2.95
C TYR A 140 -10.29 -16.36 1.46
N ARG A 141 -11.12 -17.27 0.97
CA ARG A 141 -11.51 -17.28 -0.44
C ARG A 141 -12.72 -16.40 -0.71
N THR A 142 -13.35 -15.85 0.32
CA THR A 142 -14.48 -14.95 0.12
C THR A 142 -14.05 -13.50 -0.05
N LEU A 143 -12.86 -13.14 0.41
CA LEU A 143 -12.38 -11.77 0.39
C LEU A 143 -11.40 -11.58 -0.76
N GLY A 144 -11.57 -10.50 -1.51
CA GLY A 144 -10.74 -10.23 -2.67
C GLY A 144 -11.39 -9.24 -3.62
N GLY A 145 -10.57 -8.52 -4.39
CA GLY A 145 -11.11 -7.52 -5.30
C GLY A 145 -11.53 -8.07 -6.65
N GLY A 146 -10.93 -9.16 -7.09
CA GLY A 146 -11.22 -9.72 -8.40
C GLY A 146 -12.53 -10.48 -8.47
N GLN A 147 -13.63 -9.83 -8.13
CA GLN A 147 -14.94 -10.45 -8.15
C GLN A 147 -16.00 -9.37 -8.28
N THR A 148 -17.16 -9.75 -8.82
CA THR A 148 -18.24 -8.78 -9.01
C THR A 148 -18.99 -8.52 -7.71
N TRP A 149 -19.10 -9.52 -6.84
CA TRP A 149 -19.78 -9.39 -5.55
C TRP A 149 -18.85 -9.82 -4.43
N MET A 150 -19.08 -9.27 -3.24
CA MET A 150 -18.34 -9.69 -2.06
C MET A 150 -19.22 -9.54 -0.83
N VAL A 151 -19.27 -10.59 -0.01
CA VAL A 151 -19.88 -10.55 1.31
C VAL A 151 -18.75 -10.62 2.33
N ALA A 152 -18.78 -9.71 3.31
CA ALA A 152 -17.71 -9.63 4.28
C ALA A 152 -18.27 -9.07 5.58
N ALA A 153 -17.43 -9.09 6.61
CA ALA A 153 -17.85 -8.62 7.93
C ALA A 153 -17.86 -7.10 7.98
N GLU A 154 -18.84 -6.55 8.72
CA GLU A 154 -18.95 -5.10 8.88
C GLU A 154 -17.75 -4.50 9.60
N ASP A 155 -16.85 -5.32 10.13
CA ASP A 155 -15.62 -4.83 10.73
C ASP A 155 -14.45 -4.82 9.76
N GLN A 156 -14.52 -5.64 8.71
CA GLN A 156 -13.44 -5.75 7.74
C GLN A 156 -13.47 -4.63 6.71
N VAL A 157 -14.57 -3.89 6.62
CA VAL A 157 -14.67 -2.75 5.71
C VAL A 157 -14.69 -1.47 6.53
N GLU A 158 -14.19 -0.40 5.92
CA GLU A 158 -14.28 0.93 6.50
C GLU A 158 -14.94 1.85 5.48
N VAL A 159 -15.55 2.92 5.98
CA VAL A 159 -16.24 3.86 5.11
C VAL A 159 -15.22 4.56 4.23
N CYS A 160 -15.35 4.40 2.91
CA CYS A 160 -14.43 5.04 1.99
C CYS A 160 -14.55 6.55 2.13
N PRO A 161 -13.43 7.28 2.11
CA PRO A 161 -13.47 8.75 2.23
C PRO A 161 -14.45 9.37 1.23
N PRO A 162 -15.28 10.31 1.69
CA PRO A 162 -16.41 10.77 0.86
C PRO A 162 -15.99 11.48 -0.42
N HIS A 163 -14.72 11.86 -0.56
CA HIS A 163 -14.26 12.64 -1.70
C HIS A 163 -13.61 11.80 -2.79
N LEU A 164 -13.39 10.52 -2.55
CA LEU A 164 -12.70 9.67 -3.52
C LEU A 164 -13.72 8.92 -4.39
N SER A 165 -13.36 8.76 -5.67
CA SER A 165 -14.13 7.88 -6.54
C SER A 165 -13.82 6.43 -6.21
N ALA A 166 -14.57 5.52 -6.84
CA ALA A 166 -14.32 4.10 -6.62
C ALA A 166 -12.91 3.72 -7.06
N VAL A 167 -12.41 4.36 -8.13
CA VAL A 167 -11.05 4.11 -8.57
C VAL A 167 -10.05 4.62 -7.53
N GLU A 168 -10.30 5.81 -6.97
CA GLU A 168 -9.40 6.36 -5.97
C GLU A 168 -9.48 5.58 -4.67
N GLY A 169 -10.69 5.23 -4.23
CA GLY A 169 -10.82 4.43 -3.03
C GLY A 169 -10.18 3.07 -3.14
N ALA A 170 -10.22 2.47 -4.34
CA ALA A 170 -9.59 1.17 -4.53
C ALA A 170 -8.07 1.25 -4.42
N ALA A 171 -7.48 2.37 -4.81
CA ALA A 171 -6.04 2.52 -4.80
C ALA A 171 -5.48 2.83 -3.42
N LEU A 172 -6.31 2.81 -2.40
CA LEU A 172 -5.91 3.27 -1.07
C LEU A 172 -5.49 2.15 -0.11
N PRO A 173 -6.35 1.12 0.13
CA PRO A 173 -6.19 0.30 1.35
C PRO A 173 -4.79 -0.25 1.63
N SER A 174 -4.30 -1.16 0.79
CA SER A 174 -3.08 -1.88 1.15
C SER A 174 -1.84 -0.99 1.08
N CYS A 175 -1.82 0.01 0.20
CA CYS A 175 -0.69 0.91 0.13
C CYS A 175 -0.83 2.12 1.03
N GLY A 176 -2.03 2.42 1.50
CA GLY A 176 -2.24 3.53 2.40
C GLY A 176 -1.88 3.21 3.83
N VAL A 177 -2.36 2.08 4.34
CA VAL A 177 -2.06 1.72 5.73
C VAL A 177 -0.58 1.36 5.89
N THR A 178 0.06 0.89 4.83
CA THR A 178 1.50 0.65 4.88
C THR A 178 2.26 1.95 5.05
N ALA A 179 1.94 2.96 4.24
CA ALA A 179 2.58 4.26 4.39
C ALA A 179 2.18 4.94 5.69
N TRP A 180 0.90 4.80 6.08
CA TRP A 180 0.44 5.43 7.31
C TRP A 180 1.21 4.91 8.52
N ARG A 181 1.37 3.59 8.60
CA ARG A 181 2.10 3.00 9.73
C ARG A 181 3.58 3.35 9.68
N ALA A 182 4.16 3.41 8.47
CA ALA A 182 5.58 3.68 8.34
C ALA A 182 5.95 5.09 8.79
N LEU A 183 4.98 6.00 8.88
CA LEU A 183 5.24 7.37 9.30
C LEU A 183 4.91 7.57 10.77
N VAL A 184 3.63 7.40 11.15
CA VAL A 184 3.20 7.79 12.48
C VAL A 184 3.68 6.83 13.56
N THR A 185 4.02 5.59 13.22
CA THR A 185 4.48 4.65 14.23
C THR A 185 5.91 4.20 13.99
N LYS A 186 6.27 3.81 12.76
CA LYS A 186 7.63 3.35 12.52
C LYS A 186 8.62 4.51 12.60
N CYS A 187 8.44 5.54 11.77
CA CYS A 187 9.26 6.74 11.91
C CYS A 187 9.00 7.44 13.24
N GLY A 188 7.73 7.52 13.64
CA GLY A 188 7.35 8.26 14.83
C GLY A 188 6.72 9.58 14.47
N ARG A 189 5.60 9.91 15.11
CA ARG A 189 4.95 11.18 14.86
C ARG A 189 5.87 12.35 15.15
N ALA A 190 6.81 12.18 16.08
CA ALA A 190 7.78 13.24 16.35
C ALA A 190 8.69 13.48 15.15
N ASN A 191 8.87 12.46 14.31
CA ASN A 191 9.73 12.59 13.14
C ASN A 191 8.99 12.99 11.87
N VAL A 192 7.65 12.97 11.88
CA VAL A 192 6.87 13.42 10.73
C VAL A 192 6.05 14.63 11.13
N GLY A 193 6.73 15.73 11.42
CA GLY A 193 6.07 16.97 11.79
C GLY A 193 6.77 18.18 11.20
N PRO A 194 6.20 19.36 11.44
CA PRO A 194 6.84 20.60 10.96
C PRO A 194 8.26 20.74 11.47
N GLY A 195 9.20 20.90 10.55
CA GLY A 195 10.60 21.03 10.88
C GLY A 195 11.41 19.75 10.73
N ARG A 196 10.76 18.62 10.46
CA ARG A 196 11.45 17.35 10.31
C ARG A 196 11.73 17.09 8.83
N ASN A 197 12.82 16.37 8.57
CA ASN A 197 13.26 16.07 7.21
C ASN A 197 13.08 14.58 6.95
N ILE A 198 12.27 14.24 5.97
CA ILE A 198 11.93 12.86 5.63
C ILE A 198 12.30 12.61 4.19
N LEU A 199 13.16 11.61 3.96
CA LEU A 199 13.45 11.13 2.62
C LEU A 199 12.55 9.94 2.31
N ILE A 200 12.01 9.91 1.11
CA ILE A 200 11.17 8.82 0.63
C ILE A 200 11.78 8.33 -0.67
N THR A 201 12.44 7.17 -0.61
CA THR A 201 13.17 6.66 -1.77
C THR A 201 12.20 6.10 -2.81
N GLY A 202 12.60 6.22 -4.08
CA GLY A 202 11.85 5.62 -5.17
C GLY A 202 10.46 6.17 -5.33
N ILE A 203 10.33 7.50 -5.42
CA ILE A 203 9.03 8.10 -5.64
C ILE A 203 8.45 7.56 -6.96
N GLY A 204 7.13 7.42 -6.99
CA GLY A 204 6.42 6.83 -8.10
C GLY A 204 5.86 5.45 -7.79
N GLY A 205 6.52 4.70 -6.92
CA GLY A 205 5.94 3.47 -6.42
C GLY A 205 4.67 3.74 -5.63
N GLY A 206 3.84 2.70 -5.54
CA GLY A 206 2.56 2.85 -4.84
C GLY A 206 2.71 3.34 -3.42
N VAL A 207 3.62 2.72 -2.66
CA VAL A 207 3.75 3.05 -1.24
C VAL A 207 4.43 4.40 -1.06
N ALA A 208 5.44 4.68 -1.88
CA ALA A 208 6.18 5.93 -1.75
C ALA A 208 5.28 7.14 -2.02
N LEU A 209 4.39 7.03 -3.00
CA LEU A 209 3.47 8.13 -3.28
C LEU A 209 2.52 8.37 -2.11
N GLN A 210 2.00 7.31 -1.51
CA GLN A 210 1.05 7.46 -0.41
C GLN A 210 1.67 8.23 0.75
N ALA A 211 2.92 7.92 1.09
CA ALA A 211 3.58 8.63 2.19
C ALA A 211 3.98 10.04 1.78
N LEU A 212 4.27 10.26 0.50
CA LEU A 212 4.57 11.62 0.04
C LEU A 212 3.44 12.58 0.38
N GLN A 213 2.19 12.15 0.16
CA GLN A 213 1.06 12.99 0.54
C GLN A 213 0.92 13.06 2.05
N MET A 214 0.95 11.91 2.72
CA MET A 214 0.70 11.86 4.16
C MET A 214 1.76 12.63 4.93
N ALA A 215 3.03 12.46 4.57
CA ALA A 215 4.09 13.15 5.30
C ALA A 215 4.03 14.66 5.07
N LEU A 216 3.57 15.09 3.89
CA LEU A 216 3.42 16.52 3.66
C LEU A 216 2.24 17.08 4.46
N ALA A 217 1.11 16.36 4.47
CA ALA A 217 -0.03 16.82 5.26
C ALA A 217 0.27 16.79 6.74
N LEU A 218 1.14 15.88 7.18
CA LEU A 218 1.61 15.90 8.57
C LEU A 218 2.53 17.09 8.83
N GLY A 219 3.10 17.70 7.80
CA GLY A 219 3.89 18.90 7.95
C GLY A 219 5.38 18.75 7.76
N ALA A 220 5.85 17.61 7.26
CA ALA A 220 7.29 17.40 7.15
C ALA A 220 7.86 18.14 5.95
N ASN A 221 9.19 18.25 5.92
CA ASN A 221 9.93 18.68 4.73
C ASN A 221 10.28 17.41 3.97
N VAL A 222 9.48 17.07 2.96
CA VAL A 222 9.59 15.77 2.31
C VAL A 222 10.49 15.89 1.08
N TYR A 223 11.49 15.01 1.01
CA TYR A 223 12.41 14.92 -0.11
C TYR A 223 12.31 13.51 -0.71
N VAL A 224 12.59 13.40 -2.01
CA VAL A 224 12.32 12.18 -2.75
C VAL A 224 13.57 11.75 -3.51
N THR A 225 13.45 10.59 -4.17
CA THR A 225 14.52 9.95 -4.92
C THR A 225 13.87 9.16 -6.05
N SER A 226 14.43 9.25 -7.25
CA SER A 226 13.87 8.54 -8.39
C SER A 226 15.00 8.16 -9.35
N GLY A 227 14.61 7.54 -10.46
CA GLY A 227 15.57 7.14 -11.47
C GLY A 227 15.46 7.97 -12.73
N SER A 228 14.27 8.51 -12.99
CA SER A 228 14.03 9.36 -14.14
C SER A 228 13.82 10.80 -13.68
N GLU A 229 14.21 11.74 -14.55
CA GLU A 229 13.99 13.15 -14.26
C GLU A 229 12.53 13.55 -14.43
N ALA A 230 11.75 12.75 -15.15
CA ALA A 230 10.32 13.04 -15.27
C ALA A 230 9.59 12.71 -13.97
N LYS A 231 9.91 11.59 -13.34
CA LYS A 231 9.28 11.24 -12.07
C LYS A 231 9.66 12.23 -10.98
N LEU A 232 10.89 12.74 -11.00
CA LEU A 232 11.32 13.72 -10.00
C LEU A 232 10.45 14.97 -10.07
N ALA A 233 10.20 15.48 -11.28
CA ALA A 233 9.42 16.70 -11.43
C ALA A 233 7.98 16.50 -11.00
N ARG A 234 7.37 15.37 -11.37
CA ARG A 234 6.02 15.06 -10.91
C ARG A 234 5.94 15.05 -9.39
N ALA A 235 7.01 14.60 -8.72
CA ALA A 235 7.05 14.61 -7.27
C ALA A 235 7.08 16.04 -6.73
N ARG A 236 7.86 16.93 -7.35
CA ARG A 236 7.84 18.32 -6.94
C ARG A 236 6.49 18.97 -7.22
N GLN A 237 5.80 18.51 -8.27
CA GLN A 237 4.44 18.99 -8.52
C GLN A 237 3.50 18.62 -7.40
N LEU A 238 3.75 17.49 -6.72
CA LEU A 238 2.91 17.03 -5.62
C LEU A 238 3.26 17.66 -4.29
N GLY A 239 4.42 18.29 -4.16
CA GLY A 239 4.75 18.99 -2.93
C GLY A 239 6.12 18.66 -2.38
N ALA A 240 6.91 17.90 -3.12
CA ALA A 240 8.24 17.51 -2.66
C ALA A 240 9.16 18.72 -2.64
N LYS A 241 9.69 19.04 -1.46
CA LYS A 241 10.58 20.19 -1.30
C LYS A 241 11.95 19.97 -1.94
N GLY A 242 12.15 18.87 -2.65
CA GLY A 242 13.43 18.57 -3.27
C GLY A 242 13.55 17.09 -3.55
N GLY A 243 14.47 16.77 -4.46
CA GLY A 243 14.66 15.40 -4.86
C GLY A 243 16.01 15.20 -5.52
N ALA A 244 16.36 13.93 -5.74
CA ALA A 244 17.59 13.55 -6.38
C ALA A 244 17.33 12.34 -7.27
N LEU A 245 18.40 11.82 -7.87
CA LEU A 245 18.34 10.65 -8.73
C LEU A 245 19.31 9.60 -8.19
N TYR A 246 18.76 8.45 -7.76
CA TYR A 246 19.63 7.42 -7.21
C TYR A 246 20.56 6.83 -8.26
N THR A 247 20.28 7.06 -9.55
CA THR A 247 21.23 6.68 -10.59
C THR A 247 22.50 7.52 -10.52
N GLU A 248 22.45 8.69 -9.89
CA GLU A 248 23.63 9.51 -9.69
C GLU A 248 24.44 8.97 -8.53
N GLN A 249 25.75 8.79 -8.74
CA GLN A 249 26.62 8.12 -7.79
C GLN A 249 26.78 8.86 -6.47
N ASP A 250 26.25 10.08 -6.35
CA ASP A 250 26.39 10.88 -5.13
C ASP A 250 25.05 11.39 -4.64
N TRP A 251 23.98 10.63 -4.86
CA TRP A 251 22.65 11.12 -4.50
C TRP A 251 22.48 11.41 -3.01
N PRO A 252 23.12 10.72 -2.05
CA PRO A 252 23.01 11.18 -0.66
C PRO A 252 23.56 12.57 -0.47
N LYS A 253 24.62 12.94 -1.19
CA LYS A 253 25.22 14.25 -1.02
C LYS A 253 24.37 15.33 -1.66
N ILE A 254 23.65 15.00 -2.73
CA ILE A 254 22.72 15.95 -3.34
C ILE A 254 21.55 16.22 -2.40
N ILE A 255 20.94 15.16 -1.87
CA ILE A 255 19.89 15.32 -0.87
C ILE A 255 20.42 16.06 0.35
N ALA A 256 21.68 15.78 0.73
CA ALA A 256 22.26 16.46 1.89
C ALA A 256 22.29 17.96 1.70
N GLY A 257 22.61 18.42 0.48
CA GLY A 257 22.72 19.84 0.23
C GLY A 257 21.38 20.58 0.32
N LEU A 258 20.29 19.89 0.01
CA LEU A 258 18.97 20.51 0.03
C LEU A 258 18.42 20.72 1.43
N LEU A 259 19.03 20.12 2.44
CA LEU A 259 18.49 20.24 3.79
C LEU A 259 18.80 21.61 4.36
N PRO A 260 17.86 22.20 5.11
CA PRO A 260 18.08 23.57 5.63
C PRO A 260 19.23 23.63 6.62
N LEU A 261 19.77 24.84 6.79
CA LEU A 261 20.88 25.03 7.71
C LEU A 261 20.45 24.81 9.15
N ALA A 262 19.22 25.17 9.49
CA ALA A 262 18.74 25.03 10.86
C ALA A 262 18.57 23.56 11.26
N HIS A 263 18.46 22.65 10.29
CA HIS A 263 18.47 21.22 10.57
C HIS A 263 19.12 20.51 9.40
N PRO A 264 20.44 20.30 9.44
CA PRO A 264 21.17 19.81 8.27
C PRO A 264 21.04 18.32 8.01
N LEU A 265 20.26 17.58 8.81
CA LEU A 265 20.26 16.13 8.77
C LEU A 265 18.85 15.59 8.55
N LEU A 266 18.79 14.37 8.04
CA LEU A 266 17.51 13.69 7.85
C LEU A 266 17.04 13.09 9.17
N ASP A 267 15.72 13.14 9.40
CA ASP A 267 15.14 12.55 10.59
C ASP A 267 14.79 11.08 10.40
N ALA A 268 14.22 10.73 9.26
CA ALA A 268 13.83 9.36 8.99
C ALA A 268 13.72 9.16 7.48
N ILE A 269 13.69 7.89 7.08
CA ILE A 269 13.64 7.51 5.67
C ILE A 269 12.59 6.43 5.49
N VAL A 270 11.79 6.56 4.43
CA VAL A 270 10.79 5.56 4.11
C VAL A 270 11.19 4.86 2.81
N ASP A 271 12.00 3.81 2.94
CA ASP A 271 12.55 3.09 1.80
C ASP A 271 11.82 1.77 1.58
N GLY A 272 11.77 1.35 0.32
CA GLY A 272 11.16 0.10 -0.06
C GLY A 272 11.94 -0.61 -1.15
N ALA A 273 13.22 -0.27 -1.27
CA ALA A 273 14.09 -0.90 -2.25
C ALA A 273 15.20 -1.74 -1.63
N GLY A 274 15.57 -1.48 -0.39
CA GLY A 274 16.68 -2.22 0.20
C GLY A 274 17.97 -1.74 -0.40
N GLY A 275 18.81 -2.69 -0.78
CA GLY A 275 20.04 -2.31 -1.50
C GLY A 275 21.06 -1.76 -0.53
N ASP A 276 21.76 -0.72 -0.98
CA ASP A 276 22.77 -0.05 -0.15
C ASP A 276 22.20 1.10 0.66
N ILE A 277 20.89 1.10 0.91
CA ILE A 277 20.24 2.27 1.49
C ILE A 277 20.84 2.62 2.84
N VAL A 278 21.21 1.61 3.63
CA VAL A 278 21.67 1.86 4.98
C VAL A 278 23.06 2.49 4.98
N ILE A 279 23.97 1.94 4.18
CA ILE A 279 25.34 2.45 4.18
C ILE A 279 25.43 3.78 3.44
N ARG A 280 24.48 4.08 2.56
CA ARG A 280 24.46 5.39 1.92
C ARG A 280 23.89 6.45 2.85
N ALA A 281 22.90 6.09 3.67
CA ALA A 281 22.11 7.06 4.42
C ALA A 281 22.67 7.38 5.80
N VAL A 282 23.53 6.53 6.36
CA VAL A 282 24.11 6.83 7.68
C VAL A 282 24.79 8.18 7.73
N PRO A 283 25.61 8.59 6.76
CA PRO A 283 26.28 9.91 6.87
C PRO A 283 25.34 11.10 6.78
N ILE A 284 24.15 10.94 6.18
CA ILE A 284 23.21 12.05 6.05
C ILE A 284 22.02 11.90 6.98
N LEU A 285 22.02 10.89 7.84
CA LEU A 285 20.91 10.65 8.76
C LEU A 285 21.32 11.04 10.17
N LYS A 286 20.39 11.64 10.90
CA LYS A 286 20.67 12.07 12.26
C LYS A 286 20.90 10.86 13.16
N PRO A 287 21.68 11.01 14.22
CA PRO A 287 21.79 9.92 15.21
C PRO A 287 20.43 9.64 15.83
N GLY A 288 20.05 8.36 15.83
CA GLY A 288 18.70 8.00 16.17
C GLY A 288 17.73 8.09 15.02
N GLY A 289 18.23 8.08 13.79
CA GLY A 289 17.35 8.14 12.64
C GLY A 289 16.73 6.78 12.34
N VAL A 290 15.50 6.83 11.82
CA VAL A 290 14.72 5.63 11.56
C VAL A 290 14.70 5.38 10.06
N ILE A 291 15.10 4.18 9.65
CA ILE A 291 14.93 3.76 8.25
C ILE A 291 13.78 2.77 8.19
N ALA A 292 12.57 3.27 7.97
CA ALA A 292 11.36 2.44 7.92
C ALA A 292 11.29 1.76 6.57
N ILE A 293 11.64 0.48 6.53
CA ILE A 293 11.72 -0.29 5.28
C ILE A 293 10.47 -1.15 5.16
N TYR A 294 9.84 -1.11 3.98
CA TYR A 294 8.61 -1.84 3.71
C TYR A 294 8.74 -2.78 2.53
N GLY A 295 9.91 -2.88 1.93
CA GLY A 295 10.13 -3.74 0.77
C GLY A 295 11.60 -3.83 0.47
N MET A 296 11.96 -4.85 -0.32
CA MET A 296 13.34 -5.08 -0.76
C MET A 296 13.28 -5.62 -2.19
N THR A 297 13.18 -4.70 -3.15
CA THR A 297 13.05 -5.09 -4.55
C THR A 297 14.39 -5.45 -5.16
N THR A 298 15.44 -4.73 -4.78
CA THR A 298 16.78 -4.93 -5.35
C THR A 298 17.33 -6.30 -5.02
N ALA A 299 17.69 -6.51 -3.76
CA ALA A 299 18.27 -7.75 -3.28
C ALA A 299 17.55 -8.20 -2.01
N PRO A 300 17.46 -9.51 -1.77
CA PRO A 300 16.76 -9.99 -0.57
C PRO A 300 17.61 -9.91 0.69
N VAL A 301 18.70 -9.14 0.66
CA VAL A 301 19.55 -8.91 1.81
C VAL A 301 20.01 -7.46 1.80
N LEU A 302 20.44 -6.99 2.96
CA LEU A 302 20.95 -5.63 3.13
C LEU A 302 22.40 -5.66 3.56
N ASP A 303 22.90 -4.48 3.92
CA ASP A 303 24.27 -4.30 4.39
C ASP A 303 24.21 -3.38 5.61
N TRP A 304 24.39 -3.96 6.79
CA TRP A 304 24.28 -3.23 8.04
C TRP A 304 25.67 -2.84 8.53
N PRO A 305 26.06 -1.57 8.45
CA PRO A 305 27.40 -1.19 8.89
C PRO A 305 27.45 -0.89 10.39
N MET A 306 28.68 -0.92 10.92
CA MET A 306 28.88 -0.59 12.33
C MET A 306 28.60 0.88 12.63
N GLN A 307 28.61 1.74 11.62
CA GLN A 307 28.30 3.14 11.85
C GLN A 307 26.81 3.36 12.11
N ALA A 308 25.95 2.44 11.68
CA ALA A 308 24.55 2.53 12.05
C ALA A 308 24.34 2.18 13.52
N VAL A 309 25.20 1.33 14.07
CA VAL A 309 25.14 1.03 15.50
C VAL A 309 25.56 2.25 16.31
N LEU A 310 26.70 2.83 15.96
CA LEU A 310 27.24 3.95 16.74
C LEU A 310 26.32 5.16 16.71
N LYS A 311 25.59 5.36 15.61
CA LYS A 311 24.64 6.46 15.50
C LYS A 311 23.27 6.12 16.06
N ASN A 312 23.15 4.99 16.79
CA ASN A 312 21.87 4.56 17.37
C ASN A 312 20.76 4.54 16.32
N ILE A 313 21.10 4.12 15.12
CA ILE A 313 20.17 4.08 14.00
C ILE A 313 19.41 2.76 14.04
N GLU A 314 18.10 2.84 13.83
CA GLU A 314 17.22 1.68 13.86
C GLU A 314 16.61 1.46 12.50
N LEU A 315 16.81 0.26 11.93
CA LEU A 315 16.17 -0.13 10.68
C LEU A 315 14.88 -0.86 11.03
N ARG A 316 13.76 -0.16 10.94
CA ARG A 316 12.47 -0.67 11.38
C ARG A 316 11.72 -1.23 10.19
N GLY A 317 11.63 -2.56 10.10
CA GLY A 317 10.81 -3.18 9.08
C GLY A 317 9.33 -2.98 9.37
N THR A 318 8.55 -2.80 8.30
CA THR A 318 7.12 -2.54 8.45
C THR A 318 6.39 -3.14 7.25
N THR A 319 5.13 -3.52 7.48
CA THR A 319 4.27 -3.99 6.40
C THR A 319 2.82 -3.81 6.86
N LEU A 320 1.98 -3.28 5.97
CA LEU A 320 0.59 -3.02 6.28
C LEU A 320 0.45 -2.29 7.61
N GLY A 321 -0.56 -2.64 8.40
CA GLY A 321 -0.73 -1.99 9.69
C GLY A 321 -1.78 -2.71 10.50
N SER A 322 -1.90 -2.30 11.76
CA SER A 322 -2.92 -2.87 12.62
C SER A 322 -4.31 -2.45 12.16
N ARG A 323 -5.33 -3.07 12.75
CA ARG A 323 -6.69 -2.74 12.39
C ARG A 323 -7.05 -1.32 12.82
N ALA A 324 -6.51 -0.88 13.96
CA ALA A 324 -6.75 0.49 14.40
C ALA A 324 -5.97 1.47 13.53
N GLU A 325 -4.77 1.10 13.11
CA GLU A 325 -4.00 1.97 12.23
C GLU A 325 -4.64 2.09 10.86
N PHE A 326 -5.40 1.09 10.44
CA PHE A 326 -6.17 1.21 9.21
C PHE A 326 -7.32 2.20 9.38
N ARG A 327 -8.10 2.03 10.45
CA ARG A 327 -9.18 2.97 10.73
C ARG A 327 -8.64 4.38 10.91
N ASP A 328 -7.48 4.51 11.59
CA ASP A 328 -6.83 5.81 11.70
C ASP A 328 -6.43 6.34 10.33
N MET A 329 -6.05 5.47 9.41
CA MET A 329 -5.55 5.90 8.11
C MET A 329 -6.65 6.56 7.28
N VAL A 330 -7.76 5.86 7.08
CA VAL A 330 -8.84 6.38 6.23
C VAL A 330 -9.39 7.68 6.80
N ALA A 331 -9.46 7.80 8.13
CA ALA A 331 -9.97 9.02 8.74
C ALA A 331 -9.04 10.19 8.47
N PHE A 332 -7.74 9.95 8.44
CA PHE A 332 -6.79 11.01 8.11
C PHE A 332 -6.93 11.42 6.64
N VAL A 333 -7.07 10.45 5.74
CA VAL A 333 -7.26 10.75 4.33
C VAL A 333 -8.60 11.44 4.10
N ALA A 334 -9.64 11.02 4.83
CA ALA A 334 -10.97 11.62 4.65
C ALA A 334 -11.00 13.06 5.14
N GLU A 335 -10.15 13.42 6.10
CA GLU A 335 -10.16 14.76 6.66
C GLU A 335 -9.44 15.76 5.76
N HIS A 336 -8.15 15.52 5.51
CA HIS A 336 -7.36 16.39 4.65
C HIS A 336 -7.64 16.21 3.17
N LYS A 337 -8.48 15.23 2.82
CA LYS A 337 -8.92 15.01 1.44
C LYS A 337 -7.74 14.65 0.53
N LEU A 338 -6.92 13.71 0.99
CA LEU A 338 -5.82 13.23 0.18
C LEU A 338 -6.35 12.36 -0.96
N ARG A 339 -5.70 12.47 -2.13
CA ARG A 339 -6.10 11.73 -3.31
C ARG A 339 -4.89 11.00 -3.87
N PRO A 340 -5.02 9.73 -4.23
CA PRO A 340 -3.87 8.99 -4.77
C PRO A 340 -3.71 9.21 -6.26
N VAL A 341 -2.45 9.24 -6.69
CA VAL A 341 -2.14 9.28 -8.10
C VAL A 341 -2.48 7.94 -8.74
N ILE A 342 -3.11 7.98 -9.91
CA ILE A 342 -3.50 6.79 -10.63
C ILE A 342 -2.81 6.79 -11.99
N SER A 343 -2.13 5.69 -12.31
CA SER A 343 -1.38 5.62 -13.57
C SER A 343 -2.28 5.19 -14.72
N ARG A 344 -2.93 4.03 -14.59
CA ARG A 344 -3.82 3.51 -15.63
C ARG A 344 -5.09 3.00 -14.98
N THR A 345 -6.05 2.61 -15.82
CA THR A 345 -7.35 2.16 -15.35
C THR A 345 -8.02 1.38 -16.46
N VAL A 346 -8.30 0.10 -16.21
CA VAL A 346 -8.97 -0.78 -17.17
C VAL A 346 -10.44 -0.87 -16.80
N LYS A 347 -11.32 -0.62 -17.78
CA LYS A 347 -12.76 -0.57 -17.55
C LYS A 347 -13.35 -1.93 -17.91
N GLY A 348 -13.33 -2.85 -16.94
CA GLY A 348 -13.97 -4.13 -17.15
C GLY A 348 -13.20 -5.33 -16.63
N LEU A 349 -13.74 -6.02 -15.64
CA LEU A 349 -13.16 -7.28 -15.18
C LEU A 349 -13.25 -8.36 -16.26
N ASP A 350 -14.08 -8.14 -17.28
CA ASP A 350 -14.20 -9.09 -18.38
C ASP A 350 -12.94 -9.11 -19.24
N CYS A 351 -12.34 -7.94 -19.46
CA CYS A 351 -11.14 -7.84 -20.28
C CYS A 351 -9.93 -8.43 -19.56
N VAL A 352 -9.68 -9.72 -19.76
CA VAL A 352 -8.57 -10.37 -19.08
C VAL A 352 -7.24 -10.06 -19.75
N ASP A 353 -7.25 -9.74 -21.05
CA ASP A 353 -6.02 -9.32 -21.72
C ASP A 353 -5.58 -7.95 -21.23
N ALA A 354 -6.54 -7.04 -21.02
CA ALA A 354 -6.20 -5.73 -20.49
C ALA A 354 -5.65 -5.81 -19.08
N ILE A 355 -6.28 -6.64 -18.23
CA ILE A 355 -5.77 -6.84 -16.88
C ILE A 355 -4.39 -7.45 -16.91
N ASP A 356 -4.14 -8.36 -17.87
CA ASP A 356 -2.80 -8.91 -18.05
C ASP A 356 -1.81 -7.82 -18.44
N GLY A 357 -2.25 -6.82 -19.21
CA GLY A 357 -1.36 -5.73 -19.56
C GLY A 357 -0.90 -4.94 -18.35
N LEU A 358 -1.79 -4.74 -17.37
CA LEU A 358 -1.41 -4.07 -16.14
C LEU A 358 -0.36 -4.84 -15.34
N PHE A 359 -0.22 -6.14 -15.60
CA PHE A 359 0.81 -6.91 -14.91
C PHE A 359 2.19 -6.70 -15.50
N GLU A 360 2.29 -6.59 -16.84
CA GLU A 360 3.57 -6.29 -17.45
C GLU A 360 4.04 -4.89 -17.10
N ASP A 361 3.10 -3.95 -16.91
CA ASP A 361 3.47 -2.60 -16.51
C ASP A 361 3.93 -2.56 -15.06
N LEU A 362 3.46 -3.50 -14.23
CA LEU A 362 3.94 -3.59 -12.86
C LEU A 362 5.38 -4.08 -12.83
N LYS A 363 5.67 -5.15 -13.59
CA LYS A 363 7.00 -5.74 -13.60
C LYS A 363 8.05 -4.74 -14.08
N GLY A 364 7.71 -3.91 -15.07
CA GLY A 364 8.67 -2.97 -15.62
C GLY A 364 9.14 -1.91 -14.64
N GLY A 365 8.44 -1.72 -13.52
CA GLY A 365 8.80 -0.71 -12.56
C GLY A 365 8.79 0.71 -13.07
N LYS A 366 8.36 0.95 -14.31
CA LYS A 366 8.30 2.30 -14.87
C LYS A 366 6.85 2.79 -14.81
N GLN A 367 6.48 3.33 -13.66
CA GLN A 367 5.13 3.79 -13.44
C GLN A 367 5.12 4.87 -12.37
N PHE A 368 4.00 5.59 -12.31
CA PHE A 368 3.79 6.65 -11.33
C PHE A 368 2.30 6.65 -11.02
N GLY A 369 1.92 6.05 -9.91
CA GLY A 369 0.54 5.89 -9.54
C GLY A 369 0.14 4.43 -9.48
N LYS A 370 -1.14 4.20 -9.21
CA LYS A 370 -1.67 2.87 -9.05
C LYS A 370 -2.35 2.41 -10.33
N LEU A 371 -2.40 1.09 -10.50
CA LEU A 371 -3.08 0.46 -11.63
C LEU A 371 -4.34 -0.18 -11.08
N VAL A 372 -5.51 0.33 -11.50
CA VAL A 372 -6.78 -0.12 -10.95
C VAL A 372 -7.60 -0.74 -12.07
N ILE A 373 -8.66 -1.44 -11.66
CA ILE A 373 -9.60 -2.10 -12.56
C ILE A 373 -11.00 -1.72 -12.12
N GLU A 374 -11.78 -1.16 -13.05
CA GLU A 374 -13.16 -0.81 -12.75
C GLU A 374 -14.03 -2.06 -12.87
N ILE A 375 -14.73 -2.41 -11.79
CA ILE A 375 -15.58 -3.59 -11.79
C ILE A 375 -16.99 -3.22 -12.26
#